data_6P57
#
_entry.id   6P57
#
_cell.length_a   80.016
_cell.length_b   80.016
_cell.length_c   206.130
_cell.angle_alpha   90.00
_cell.angle_beta   90.00
_cell.angle_gamma   90.00
#
_symmetry.space_group_name_H-M   'F 2 2 2'
#
loop_
_entity.id
_entity.type
_entity.pdbx_description
1 polymer 'Lutropin subunit beta'
2 branched beta-D-mannopyranose-(1-4)-2-acetamido-2-deoxy-beta-D-glucopyranose-(1-4)-[beta-L-fucopyranose-(1-6)]2-acetamido-2-deoxy-beta-D-glucopyranose
3 branched 2-acetamido-2-deoxy-beta-D-glucopyranose-(1-2)-alpha-D-mannopyranose-(1-6)-beta-D-mannopyranose-(1-4)-2-acetamido-2-deoxy-beta-D-glucopyranose-(1-4)-[beta-L-fucopyranose-(1-6)]2-acetamido-2-deoxy-beta-D-glucopyranose
4 non-polymer alpha-D-mannopyranose
5 non-polymer 'octyl beta-D-glucopyranoside'
6 water water
#
_entity_poly.entity_id   1
_entity_poly.type   'polypeptide(L)'
_entity_poly.pdbx_seq_one_letter_code
;MEMFQGLLLWLLLGVAGVWASRGPLRPLCQPINATLAAEKEACPVCITFTTSICAGYCPSMKRVLPVILPPMPQRVCTYH
ELRFASVRLPGCPPGVDPMVSFPVALSCHCGPCRLSSTDCGGPRTQPLACDHPPLPDILFL
;
_entity_poly.pdbx_strand_id   A,B
#
loop_
_chem_comp.id
_chem_comp.type
_chem_comp.name
_chem_comp.formula
BMA D-saccharide, beta linking beta-D-mannopyranose 'C6 H12 O6'
BOG D-saccharide 'octyl beta-D-glucopyranoside' 'C14 H28 O6'
FUL L-saccharide, beta linking beta-L-fucopyranose 'C6 H12 O5'
MAN D-saccharide, alpha linking alpha-D-mannopyranose 'C6 H12 O6'
NAG D-saccharide, beta linking 2-acetamido-2-deoxy-beta-D-glucopyranose 'C8 H15 N O6'
#
# COMPACT_ATOMS: atom_id res chain seq x y z
N SER A 21 4.14 14.21 9.72
CA SER A 21 5.63 14.18 9.71
C SER A 21 6.19 14.55 8.32
N ARG A 22 6.28 13.56 7.43
CA ARG A 22 6.84 13.74 6.10
C ARG A 22 5.73 13.88 5.08
N GLY A 23 6.10 14.10 3.81
CA GLY A 23 5.14 14.20 2.71
C GLY A 23 4.20 13.01 2.68
N PRO A 24 2.89 13.27 2.49
CA PRO A 24 1.85 12.21 2.48
C PRO A 24 1.66 11.33 1.22
N LEU A 25 2.47 11.47 0.17
CA LEU A 25 2.24 10.65 -1.05
C LEU A 25 3.50 10.00 -1.65
N ARG A 26 3.76 8.72 -1.37
CA ARG A 26 3.01 7.85 -0.43
C ARG A 26 1.51 7.67 -0.72
N PRO A 27 1.20 7.19 -1.93
CA PRO A 27 -0.12 6.95 -2.50
C PRO A 27 -1.36 7.49 -1.80
N LEU A 28 -1.54 7.15 -0.53
CA LEU A 28 -2.78 7.43 0.22
C LEU A 28 -3.72 6.22 0.05
N CYS A 29 -4.62 5.97 1.01
CA CYS A 29 -5.46 4.75 0.95
C CYS A 29 -6.44 4.62 -0.23
N GLN A 30 -6.51 3.39 -0.74
CA GLN A 30 -7.28 3.09 -1.94
C GLN A 30 -7.30 1.59 -2.24
N PRO A 31 -8.43 1.09 -2.74
CA PRO A 31 -8.37 -0.29 -3.17
C PRO A 31 -7.32 -0.42 -4.32
N ILE A 32 -6.44 -1.42 -4.19
CA ILE A 32 -5.29 -1.63 -5.04
C ILE A 32 -5.07 -3.08 -5.48
N ASN A 33 -5.16 -3.38 -6.77
CA ASN A 33 -5.02 -4.77 -7.21
C ASN A 33 -3.64 -5.36 -6.93
N ALA A 34 -3.46 -6.03 -5.80
CA ALA A 34 -2.15 -6.67 -5.43
C ALA A 34 -2.21 -8.22 -5.52
N THR A 35 -1.10 -8.90 -5.18
CA THR A 35 -1.11 -10.37 -5.12
C THR A 35 -0.52 -10.88 -3.81
N LEU A 36 -1.12 -11.96 -3.32
CA LEU A 36 -0.72 -12.64 -2.10
C LEU A 36 -0.59 -14.12 -2.44
N ALA A 37 -0.18 -14.93 -1.48
CA ALA A 37 -0.04 -16.33 -1.81
C ALA A 37 -0.47 -17.28 -0.62
N ALA A 38 -1.62 -17.94 -0.77
CA ALA A 38 -2.15 -18.76 0.29
C ALA A 38 -1.53 -20.16 0.37
N GLU A 39 -1.13 -20.54 1.58
CA GLU A 39 -0.56 -21.83 1.84
C GLU A 39 -0.59 -22.13 3.33
N LYS A 40 -0.80 -23.41 3.65
CA LYS A 40 -0.89 -23.83 5.03
C LYS A 40 0.09 -24.95 5.32
N GLU A 41 0.73 -24.82 6.48
CA GLU A 41 1.61 -25.84 7.03
C GLU A 41 1.07 -27.25 6.74
N ALA A 42 1.83 -28.02 5.98
CA ALA A 42 1.45 -29.40 5.67
C ALA A 42 0.30 -29.58 4.66
N CYS A 43 0.17 -28.64 3.72
CA CYS A 43 -0.67 -28.81 2.51
C CYS A 43 0.36 -28.74 1.36
N PRO A 44 0.10 -29.45 0.26
CA PRO A 44 1.25 -29.75 -0.57
C PRO A 44 1.74 -28.61 -1.48
N VAL A 45 0.88 -28.15 -2.36
CA VAL A 45 1.17 -27.00 -3.19
C VAL A 45 0.38 -25.80 -2.68
N CYS A 46 1.06 -24.67 -2.65
CA CYS A 46 0.43 -23.47 -2.20
C CYS A 46 -0.14 -22.79 -3.42
N ILE A 47 -0.89 -21.73 -3.21
CA ILE A 47 -1.58 -21.11 -4.28
C ILE A 47 -1.48 -19.57 -4.19
N THR A 48 -1.21 -18.95 -5.32
CA THR A 48 -1.16 -17.51 -5.40
C THR A 48 -2.46 -17.03 -6.03
N PHE A 49 -2.75 -15.75 -5.87
CA PHE A 49 -3.99 -15.22 -6.40
C PHE A 49 -3.95 -13.69 -6.39
N THR A 50 -4.97 -13.09 -7.01
CA THR A 50 -5.06 -11.66 -7.14
C THR A 50 -6.32 -11.16 -6.53
N THR A 51 -6.20 -10.25 -5.58
CA THR A 51 -7.41 -9.61 -5.07
C THR A 51 -7.18 -8.15 -4.66
N SER A 52 -7.94 -7.23 -5.27
CA SER A 52 -7.98 -5.84 -4.82
C SER A 52 -8.02 -5.83 -3.27
N ILE A 53 -7.19 -4.96 -2.71
CA ILE A 53 -7.18 -4.73 -1.29
C ILE A 53 -7.01 -3.25 -1.04
N CYS A 54 -7.33 -2.82 0.18
CA CYS A 54 -7.22 -1.43 0.53
C CYS A 54 -6.02 -1.15 1.40
N ALA A 55 -5.00 -0.59 0.77
CA ALA A 55 -3.78 -0.17 1.45
C ALA A 55 -3.42 1.24 1.05
N GLY A 56 -3.17 2.10 2.03
CA GLY A 56 -2.73 3.44 1.74
C GLY A 56 -2.35 4.20 2.99
N TYR A 57 -1.65 5.31 2.78
CA TYR A 57 -1.13 6.12 3.87
C TYR A 57 -2.17 7.05 4.43
N CYS A 58 -2.56 6.78 5.68
CA CYS A 58 -3.42 7.67 6.42
C CYS A 58 -2.56 8.45 7.40
N PRO A 59 -2.67 9.79 7.37
CA PRO A 59 -1.88 10.62 8.27
C PRO A 59 -2.49 10.71 9.66
N SER A 60 -1.65 10.60 10.69
CA SER A 60 -2.10 10.84 12.05
C SER A 60 -2.09 12.36 12.20
N MET A 61 -3.03 13.00 11.51
CA MET A 61 -3.03 14.45 11.35
C MET A 61 -2.99 15.22 12.66
N LYS A 62 -1.83 15.79 12.95
CA LYS A 62 -1.68 16.72 14.05
C LYS A 62 -2.35 17.99 13.53
N ARG A 63 -2.88 18.79 14.45
CA ARG A 63 -3.61 19.98 14.06
C ARG A 63 -2.82 21.24 14.40
N VAL A 64 -3.49 22.40 14.41
CA VAL A 64 -2.83 23.68 14.66
C VAL A 64 -2.10 23.73 16.00
N LEU A 65 -2.76 23.27 17.06
CA LEU A 65 -2.18 23.26 18.41
C LEU A 65 -2.03 21.84 18.95
N PRO A 66 -0.78 21.36 19.10
CA PRO A 66 -0.48 20.03 19.65
C PRO A 66 -0.77 19.90 21.14
N VAL A 67 -0.21 18.86 21.77
CA VAL A 67 -0.40 18.57 23.21
C VAL A 67 -1.70 17.80 23.48
N ILE A 68 -2.56 17.66 22.47
CA ILE A 68 -3.80 16.89 22.58
C ILE A 68 -3.54 15.44 22.15
N LEU A 69 -2.32 15.19 21.69
CA LEU A 69 -1.88 13.85 21.30
C LEU A 69 -2.21 12.85 22.41
N PRO A 70 -2.28 11.55 22.11
CA PRO A 70 -2.02 10.97 20.78
C PRO A 70 -2.85 11.60 19.65
N PRO A 71 -2.26 11.72 18.45
CA PRO A 71 -2.93 12.40 17.33
C PRO A 71 -4.15 11.65 16.82
N MET A 72 -3.98 10.37 16.49
CA MET A 72 -5.06 9.55 15.97
C MET A 72 -4.77 8.07 16.24
N PRO A 73 -5.61 7.41 17.07
CA PRO A 73 -5.47 6.02 17.52
C PRO A 73 -5.11 4.97 16.46
N GLN A 74 -3.88 5.02 15.96
CA GLN A 74 -3.40 4.04 14.98
C GLN A 74 -4.44 3.84 13.89
N ARG A 75 -4.84 4.92 13.24
CA ARG A 75 -5.87 4.85 12.20
C ARG A 75 -5.37 4.24 10.89
N VAL A 76 -5.22 2.92 10.89
CA VAL A 76 -4.80 2.18 9.71
C VAL A 76 -5.97 2.10 8.74
N CYS A 77 -5.69 2.07 7.44
CA CYS A 77 -6.78 1.99 6.47
C CYS A 77 -7.40 0.61 6.47
N THR A 78 -8.70 0.57 6.75
CA THR A 78 -9.45 -0.66 6.82
C THR A 78 -10.68 -0.61 5.93
N TYR A 79 -11.22 -1.79 5.65
CA TYR A 79 -12.17 -1.99 4.57
C TYR A 79 -13.57 -1.40 4.78
N HIS A 80 -13.93 -0.44 3.92
CA HIS A 80 -15.23 0.22 4.03
C HIS A 80 -16.21 -0.84 3.64
N GLU A 81 -16.02 -1.35 2.44
CA GLU A 81 -16.84 -2.40 1.89
C GLU A 81 -15.97 -3.62 1.54
N LEU A 82 -16.46 -4.79 1.90
CA LEU A 82 -15.67 -6.01 1.77
C LEU A 82 -16.55 -7.19 1.36
N ARG A 83 -16.09 -7.94 0.36
CA ARG A 83 -16.66 -9.23 0.02
C ARG A 83 -15.54 -10.24 0.14
N PHE A 84 -15.87 -11.44 0.63
CA PHE A 84 -14.92 -12.52 0.69
C PHE A 84 -15.05 -13.42 -0.52
N ALA A 85 -13.93 -14.01 -0.91
CA ALA A 85 -13.93 -15.18 -1.77
C ALA A 85 -12.86 -16.11 -1.21
N SER A 86 -12.82 -17.33 -1.71
CA SER A 86 -11.84 -18.29 -1.26
C SER A 86 -11.62 -19.31 -2.34
N VAL A 87 -10.48 -20.01 -2.24
CA VAL A 87 -10.09 -21.00 -3.20
C VAL A 87 -10.01 -22.34 -2.49
N ARG A 88 -9.14 -23.25 -2.90
CA ARG A 88 -9.13 -24.57 -2.34
CA ARG A 88 -9.12 -24.56 -2.29
C ARG A 88 -7.74 -25.19 -2.48
N LEU A 89 -6.87 -24.93 -1.50
CA LEU A 89 -5.51 -25.40 -1.51
C LEU A 89 -5.46 -26.94 -1.90
N PRO A 90 -5.34 -27.23 -3.18
CA PRO A 90 -5.40 -28.55 -3.71
C PRO A 90 -4.35 -29.54 -3.17
N GLY A 91 -4.76 -30.78 -2.94
CA GLY A 91 -3.89 -31.78 -2.43
C GLY A 91 -3.82 -31.86 -0.94
N CYS A 92 -4.51 -30.99 -0.23
CA CYS A 92 -4.43 -31.02 1.22
C CYS A 92 -4.75 -32.43 1.71
N PRO A 93 -4.05 -32.88 2.76
CA PRO A 93 -4.34 -34.22 3.27
C PRO A 93 -5.81 -34.35 3.60
N PRO A 94 -6.33 -35.59 3.68
CA PRO A 94 -7.74 -35.84 4.04
C PRO A 94 -8.03 -35.63 5.52
N GLY A 95 -7.41 -34.64 6.13
CA GLY A 95 -7.65 -34.33 7.52
C GLY A 95 -7.54 -32.85 7.80
N VAL A 96 -7.33 -32.07 6.74
CA VAL A 96 -7.11 -30.63 6.84
C VAL A 96 -8.10 -29.90 5.97
N ASP A 97 -8.32 -28.62 6.28
CA ASP A 97 -9.33 -27.81 5.61
C ASP A 97 -8.79 -26.91 4.49
N PRO A 98 -9.00 -27.31 3.24
CA PRO A 98 -8.43 -26.58 2.12
C PRO A 98 -9.04 -25.23 1.76
N MET A 99 -10.22 -24.90 2.27
CA MET A 99 -10.89 -23.67 1.86
CA MET A 99 -10.89 -23.66 1.88
C MET A 99 -10.19 -22.47 2.49
N VAL A 100 -9.63 -21.63 1.65
CA VAL A 100 -8.88 -20.44 2.06
C VAL A 100 -9.47 -19.17 1.39
N SER A 101 -10.01 -18.32 2.26
CA SER A 101 -10.68 -17.09 1.88
C SER A 101 -9.81 -15.90 2.12
N PHE A 102 -10.28 -14.79 1.58
CA PHE A 102 -9.50 -13.57 1.57
C PHE A 102 -10.47 -12.46 1.26
N PRO A 103 -10.05 -11.18 1.45
CA PRO A 103 -10.88 -9.99 1.18
C PRO A 103 -11.01 -9.65 -0.29
N VAL A 104 -12.13 -9.05 -0.64
CA VAL A 104 -12.36 -8.55 -2.01
C VAL A 104 -12.92 -7.15 -1.84
N ALA A 105 -12.07 -6.22 -1.45
CA ALA A 105 -12.45 -4.87 -1.07
C ALA A 105 -13.04 -4.04 -2.20
N LEU A 106 -14.05 -3.24 -1.82
CA LEU A 106 -14.87 -2.45 -2.75
C LEU A 106 -14.57 -0.98 -2.63
N SER A 107 -14.33 -0.55 -1.40
CA SER A 107 -13.94 0.81 -1.08
C SER A 107 -13.38 0.76 0.33
N CYS A 108 -12.76 1.85 0.78
CA CYS A 108 -12.21 1.91 2.14
C CYS A 108 -11.95 3.31 2.70
N HIS A 109 -11.59 3.35 3.98
CA HIS A 109 -11.38 4.59 4.70
C HIS A 109 -10.36 4.36 5.81
N CYS A 110 -10.38 5.20 6.84
CA CYS A 110 -9.55 5.01 8.02
C CYS A 110 -10.30 5.26 9.31
N GLY A 111 -10.37 4.21 10.12
CA GLY A 111 -10.97 4.26 11.44
C GLY A 111 -9.94 3.77 12.43
N PRO A 112 -10.36 3.50 13.68
CA PRO A 112 -9.46 3.03 14.73
C PRO A 112 -8.59 1.85 14.31
N CYS A 113 -7.65 1.48 15.17
CA CYS A 113 -6.78 0.33 14.96
C CYS A 113 -7.62 -0.94 14.89
N ARG A 114 -8.02 -1.30 13.66
CA ARG A 114 -8.92 -2.43 13.41
C ARG A 114 -8.16 -3.68 13.00
N LEU A 115 -8.49 -4.78 13.65
CA LEU A 115 -7.75 -6.05 13.55
C LEU A 115 -7.86 -6.74 12.18
N SER A 116 -9.07 -7.16 11.81
CA SER A 116 -9.28 -7.89 10.55
C SER A 116 -8.27 -9.02 10.42
N SER A 117 -7.47 -9.01 9.35
CA SER A 117 -6.44 -10.03 9.15
C SER A 117 -5.17 -9.65 9.90
N THR A 118 -4.12 -9.27 9.18
CA THR A 118 -2.91 -8.82 9.82
C THR A 118 -3.33 -7.67 10.73
N ASP A 119 -3.10 -7.82 12.03
CA ASP A 119 -3.49 -6.80 13.01
C ASP A 119 -2.42 -5.72 13.12
N CYS A 120 -2.82 -4.56 13.65
CA CYS A 120 -1.91 -3.44 13.83
C CYS A 120 -0.53 -3.93 14.27
N GLN A 126 5.78 -14.99 -14.44
CA GLN A 126 5.34 -13.83 -13.67
C GLN A 126 4.90 -14.26 -12.27
N PRO A 127 3.59 -14.14 -11.95
CA PRO A 127 2.99 -14.33 -10.62
C PRO A 127 3.96 -14.51 -9.49
N LEU A 128 3.68 -15.44 -8.57
CA LEU A 128 4.51 -15.62 -7.37
C LEU A 128 4.79 -17.09 -6.98
N ALA A 129 5.30 -17.27 -5.74
CA ALA A 129 5.61 -18.58 -5.18
C ALA A 129 5.52 -18.55 -3.64
N CYS A 130 4.98 -19.61 -3.05
CA CYS A 130 4.93 -19.72 -1.59
C CYS A 130 4.96 -21.19 -1.20
N ASP A 131 6.16 -21.72 -0.93
CA ASP A 131 6.31 -23.13 -0.63
CA ASP A 131 6.30 -23.13 -0.60
C ASP A 131 7.33 -23.34 0.50
N SER B 21 0.71 3.72 10.11
CA SER B 21 1.28 2.89 9.00
C SER B 21 2.46 2.06 9.48
N ARG B 22 2.30 0.74 9.43
CA ARG B 22 3.37 -0.18 9.85
C ARG B 22 4.40 -0.34 8.74
N GLY B 23 5.66 -0.51 9.12
CA GLY B 23 6.76 -0.74 8.18
C GLY B 23 6.99 -2.20 7.83
N PRO B 24 6.79 -3.10 8.82
CA PRO B 24 6.93 -4.54 8.55
C PRO B 24 5.64 -5.17 8.01
N LEU B 25 5.77 -6.14 7.12
CA LEU B 25 4.58 -6.78 6.62
C LEU B 25 4.57 -6.89 5.10
N ARG B 26 3.78 -7.84 4.61
CA ARG B 26 3.63 -8.17 3.20
C ARG B 26 2.26 -7.64 2.73
N PRO B 27 1.93 -7.70 1.44
CA PRO B 27 2.32 -8.51 0.32
C PRO B 27 3.74 -8.40 -0.17
N LEU B 28 4.34 -9.57 -0.38
CA LEU B 28 5.64 -9.64 -1.00
C LEU B 28 5.72 -8.42 -1.92
N CYS B 29 6.81 -7.68 -1.82
CA CYS B 29 6.94 -6.45 -2.59
C CYS B 29 7.02 -6.69 -4.09
N GLN B 30 6.10 -6.03 -4.78
CA GLN B 30 5.83 -6.22 -6.20
C GLN B 30 5.41 -4.91 -6.85
N PRO B 31 5.14 -4.92 -8.17
CA PRO B 31 4.79 -3.65 -8.78
C PRO B 31 3.30 -3.43 -8.68
N ILE B 32 2.87 -2.27 -8.21
CA ILE B 32 1.42 -1.98 -8.08
C ILE B 32 0.96 -0.60 -8.52
N ASN B 33 0.22 -0.60 -9.64
CA ASN B 33 -0.51 0.56 -10.09
C ASN B 33 -1.01 1.31 -8.86
N ALA B 34 -0.65 2.55 -8.69
CA ALA B 34 -1.10 3.33 -7.55
C ALA B 34 -1.43 4.75 -7.98
N THR B 35 -2.49 5.31 -7.42
CA THR B 35 -3.00 6.62 -7.84
C THR B 35 -2.57 7.76 -6.95
N LEU B 36 -1.70 8.60 -7.51
CA LEU B 36 -1.06 9.68 -6.83
C LEU B 36 -1.56 11.00 -7.41
N ALA B 37 -1.49 12.05 -6.60
CA ALA B 37 -1.91 13.36 -7.07
C ALA B 37 -0.78 14.36 -6.91
N ALA B 38 -0.23 14.82 -8.03
CA ALA B 38 0.85 15.83 -8.00
C ALA B 38 0.24 17.24 -7.83
N GLU B 39 0.84 18.01 -6.92
CA GLU B 39 0.38 19.36 -6.54
C GLU B 39 1.54 20.27 -6.12
N LYS B 40 1.45 21.55 -6.48
CA LYS B 40 2.44 22.56 -6.10
C LYS B 40 1.75 23.81 -5.54
N GLU B 41 2.42 24.56 -4.66
CA GLU B 41 1.92 25.87 -4.27
C GLU B 41 2.10 26.81 -5.46
N ALA B 42 1.69 28.07 -5.34
CA ALA B 42 1.73 28.98 -6.48
C ALA B 42 0.86 28.43 -7.59
N CYS B 43 1.12 27.18 -7.98
CA CYS B 43 0.31 26.54 -8.99
C CYS B 43 -1.11 26.42 -8.44
N PRO B 44 -2.12 26.67 -9.30
CA PRO B 44 -3.49 26.76 -8.86
C PRO B 44 -4.23 25.44 -8.61
N VAL B 45 -3.83 24.37 -9.28
CA VAL B 45 -4.62 23.15 -9.21
C VAL B 45 -3.75 21.91 -8.95
N CYS B 46 -4.36 20.94 -8.28
CA CYS B 46 -3.71 19.68 -7.99
C CYS B 46 -4.21 18.63 -8.96
N ILE B 47 -3.30 17.83 -9.50
CA ILE B 47 -3.68 16.85 -10.50
C ILE B 47 -3.23 15.42 -10.11
N THR B 48 -4.06 14.45 -10.48
CA THR B 48 -3.98 13.09 -9.95
C THR B 48 -3.79 12.08 -11.08
N PHE B 49 -2.94 11.09 -10.82
CA PHE B 49 -2.42 10.21 -11.88
C PHE B 49 -1.95 8.89 -11.25
N THR B 50 -1.85 7.86 -12.11
CA THR B 50 -1.49 6.51 -11.69
C THR B 50 -0.23 6.00 -12.37
N THR B 51 0.57 5.29 -11.58
CA THR B 51 1.77 4.63 -12.07
C THR B 51 1.99 3.40 -11.14
N SER B 52 2.65 2.38 -11.65
CA SER B 52 3.06 1.31 -10.77
C SER B 52 4.14 1.84 -9.84
N ILE B 53 4.10 1.42 -8.61
CA ILE B 53 5.13 1.72 -7.66
C ILE B 53 5.48 0.38 -6.97
N CYS B 54 6.50 0.37 -6.13
CA CYS B 54 6.94 -0.87 -5.53
C CYS B 54 6.56 -0.94 -4.10
N ALA B 55 5.87 -2.03 -3.74
CA ALA B 55 5.24 -2.19 -2.42
C ALA B 55 6.20 -1.99 -1.26
N GLY B 56 7.41 -2.51 -1.40
CA GLY B 56 8.47 -2.28 -0.42
C GLY B 56 8.48 -3.19 0.79
N TYR B 57 7.63 -4.21 0.82
CA TYR B 57 7.56 -5.08 1.99
C TYR B 57 8.43 -6.32 1.91
N CYS B 58 9.68 -6.15 2.35
CA CYS B 58 10.66 -7.23 2.40
C CYS B 58 10.69 -7.80 3.82
N PRO B 59 11.20 -9.03 3.97
CA PRO B 59 11.23 -9.67 5.28
C PRO B 59 12.23 -9.06 6.25
N SER B 60 11.72 -8.50 7.36
CA SER B 60 12.56 -8.08 8.47
C SER B 60 12.83 -9.39 9.21
N MET B 61 13.62 -10.25 8.56
CA MET B 61 13.78 -11.63 8.98
C MET B 61 14.95 -11.91 9.93
N LYS B 62 14.72 -12.82 10.89
CA LYS B 62 15.72 -13.25 11.87
C LYS B 62 16.39 -14.55 11.44
N ARG B 63 17.70 -14.64 11.65
CA ARG B 63 18.47 -15.82 11.27
C ARG B 63 18.52 -16.85 12.40
N VAL B 64 19.44 -17.82 12.30
CA VAL B 64 19.63 -18.81 13.36
C VAL B 64 19.82 -18.12 14.70
N LEU B 65 20.58 -17.03 14.68
CA LEU B 65 20.84 -16.21 15.86
C LEU B 65 19.56 -15.45 16.22
N PRO B 66 19.02 -15.69 17.42
CA PRO B 66 17.76 -15.07 17.88
C PRO B 66 17.68 -13.54 18.01
N VAL B 67 18.70 -12.90 18.58
CA VAL B 67 18.63 -11.45 18.85
C VAL B 67 19.72 -10.62 18.18
N ILE B 68 19.62 -10.49 16.85
CA ILE B 68 20.57 -9.68 16.09
C ILE B 68 19.95 -8.30 15.85
N LEU B 69 19.85 -7.51 16.91
CA LEU B 69 19.36 -6.14 16.85
C LEU B 69 20.51 -5.24 17.34
N PRO B 70 20.64 -3.99 16.88
CA PRO B 70 19.72 -3.22 16.04
C PRO B 70 19.19 -3.85 14.74
N PRO B 71 17.86 -3.93 14.63
CA PRO B 71 17.25 -4.47 13.40
C PRO B 71 17.76 -3.75 12.17
N MET B 72 17.68 -4.43 11.03
CA MET B 72 18.14 -3.89 9.75
C MET B 72 17.25 -2.75 9.26
N PRO B 73 17.71 -1.98 8.27
CA PRO B 73 16.87 -0.92 7.72
C PRO B 73 15.75 -1.50 6.85
N GLN B 74 15.18 -2.62 7.33
CA GLN B 74 14.06 -3.32 6.70
C GLN B 74 14.33 -4.02 5.37
N ARG B 75 15.54 -3.93 4.84
CA ARG B 75 15.82 -4.46 3.51
C ARG B 75 14.74 -3.92 2.58
N VAL B 76 14.27 -2.70 2.89
CA VAL B 76 13.12 -2.10 2.21
C VAL B 76 13.13 -2.38 0.70
N CYS B 77 12.01 -2.90 0.19
CA CYS B 77 11.90 -3.18 -1.24
C CYS B 77 11.70 -1.91 -2.04
N THR B 78 12.44 -1.81 -3.13
CA THR B 78 12.47 -0.60 -3.93
C THR B 78 12.88 -0.93 -5.37
N TYR B 79 12.62 0.02 -6.24
CA TYR B 79 12.93 -0.03 -7.67
C TYR B 79 14.16 -0.85 -8.06
N HIS B 80 13.96 -1.78 -8.99
CA HIS B 80 15.05 -2.52 -9.60
C HIS B 80 15.18 -2.00 -11.03
N GLU B 81 14.08 -2.00 -11.77
CA GLU B 81 14.05 -1.49 -13.13
C GLU B 81 12.88 -0.50 -13.29
N LEU B 82 13.10 0.59 -14.01
CA LEU B 82 12.09 1.65 -14.11
C LEU B 82 12.44 2.76 -15.03
N ARG B 83 11.41 3.55 -15.36
CA ARG B 83 11.57 4.78 -16.13
C ARG B 83 10.94 5.95 -15.40
N PHE B 84 10.32 6.85 -16.15
CA PHE B 84 9.79 8.08 -15.58
C PHE B 84 8.86 8.70 -16.56
N ALA B 85 8.11 9.64 -16.03
CA ALA B 85 7.22 10.48 -16.81
C ALA B 85 6.82 11.63 -15.90
N SER B 86 6.24 12.66 -16.50
CA SER B 86 5.83 13.85 -15.81
C SER B 86 4.57 14.50 -16.37
N VAL B 87 3.99 15.35 -15.52
CA VAL B 87 2.81 16.11 -15.79
C VAL B 87 3.16 17.58 -15.71
N ARG B 88 2.36 18.43 -16.34
CA ARG B 88 2.57 19.87 -16.22
C ARG B 88 1.37 20.50 -15.54
N LEU B 89 1.49 20.65 -14.23
CA LEU B 89 0.47 21.35 -13.45
C LEU B 89 0.08 22.65 -14.17
N PRO B 90 -1.18 22.75 -14.64
CA PRO B 90 -1.60 23.94 -15.41
C PRO B 90 -1.84 25.18 -14.61
N GLY B 91 -1.84 26.32 -15.29
CA GLY B 91 -2.20 27.58 -14.65
C GLY B 91 -1.15 28.11 -13.72
N CYS B 92 -0.02 27.41 -13.67
CA CYS B 92 1.11 27.81 -12.84
C CYS B 92 1.66 29.17 -13.24
N PRO B 93 1.92 30.02 -12.26
CA PRO B 93 2.44 31.35 -12.49
C PRO B 93 3.58 31.35 -13.51
N PRO B 94 3.87 32.52 -14.11
CA PRO B 94 4.90 32.69 -15.13
C PRO B 94 6.28 32.19 -14.72
N GLY B 95 6.87 32.84 -13.73
CA GLY B 95 8.22 32.53 -13.32
C GLY B 95 8.31 31.34 -12.39
N VAL B 96 7.90 30.18 -12.90
CA VAL B 96 7.90 28.94 -12.13
C VAL B 96 8.17 27.72 -13.01
N ASP B 97 8.50 26.61 -12.36
CA ASP B 97 8.61 25.31 -13.01
C ASP B 97 7.35 24.53 -12.69
N PRO B 98 6.49 24.29 -13.69
CA PRO B 98 5.26 23.50 -13.60
C PRO B 98 5.37 21.95 -13.83
N MET B 99 6.49 21.48 -14.37
CA MET B 99 6.68 20.06 -14.60
C MET B 99 6.76 19.35 -13.29
N VAL B 100 6.13 18.17 -13.26
CA VAL B 100 6.26 17.19 -12.18
C VAL B 100 6.42 15.76 -12.78
N SER B 101 7.55 15.10 -12.47
CA SER B 101 7.86 13.79 -12.95
C SER B 101 7.44 12.86 -11.88
N PHE B 102 7.52 11.56 -12.16
CA PHE B 102 7.13 10.53 -11.21
C PHE B 102 7.57 9.22 -11.81
N PRO B 103 8.21 8.35 -11.02
CA PRO B 103 8.82 7.12 -11.56
C PRO B 103 7.82 6.17 -12.07
N VAL B 104 8.26 5.18 -12.82
CA VAL B 104 7.35 4.19 -13.40
C VAL B 104 8.01 2.83 -13.29
N ALA B 105 7.71 2.10 -12.20
CA ALA B 105 8.41 0.83 -11.88
C ALA B 105 7.66 -0.39 -12.24
N LEU B 106 8.36 -1.28 -12.93
CA LEU B 106 7.84 -2.61 -13.32
C LEU B 106 8.53 -3.76 -12.61
N SER B 107 9.63 -3.48 -11.94
CA SER B 107 10.33 -4.48 -11.19
C SER B 107 10.77 -3.85 -9.88
N CYS B 108 10.97 -4.66 -8.87
CA CYS B 108 11.31 -4.17 -7.55
C CYS B 108 12.20 -5.20 -6.81
N HIS B 109 13.24 -4.72 -6.12
CA HIS B 109 14.18 -5.59 -5.43
C HIS B 109 14.30 -5.24 -3.94
N CYS B 110 14.87 -6.17 -3.16
CA CYS B 110 15.00 -6.01 -1.70
C CYS B 110 16.41 -5.63 -1.25
N GLY B 111 16.58 -4.38 -0.83
CA GLY B 111 17.86 -3.87 -0.34
C GLY B 111 17.70 -2.79 0.71
N PRO B 112 18.83 -2.28 1.26
CA PRO B 112 18.78 -1.24 2.28
C PRO B 112 18.13 0.05 1.75
N CYS B 113 17.62 0.86 2.69
CA CYS B 113 16.88 2.08 2.37
C CYS B 113 17.73 3.08 1.56
N ARG B 114 17.53 3.09 0.25
CA ARG B 114 18.31 3.93 -0.65
C ARG B 114 17.98 5.42 -0.57
N LEU B 115 16.71 5.75 -0.35
CA LEU B 115 16.23 7.13 -0.24
C LEU B 115 16.03 7.83 -1.60
N SER B 116 15.75 7.06 -2.63
CA SER B 116 15.61 7.62 -3.99
C SER B 116 14.25 8.28 -4.29
N SER B 117 13.21 7.88 -3.56
CA SER B 117 11.86 8.44 -3.76
C SER B 117 11.13 8.72 -2.45
N THR B 118 10.72 7.65 -1.75
CA THR B 118 10.07 7.78 -0.45
C THR B 118 11.09 7.40 0.63
N ASP B 119 11.25 8.26 1.63
CA ASP B 119 12.27 8.06 2.65
C ASP B 119 11.90 6.96 3.65
N CYS B 120 12.85 6.60 4.51
CA CYS B 120 12.67 5.53 5.49
C CYS B 120 11.72 5.97 6.60
N GLY B 121 -27.52 3.78 -10.85
CA GLY B 121 -26.50 4.51 -10.10
C GLY B 121 -25.58 3.55 -9.31
N GLY B 122 -24.28 3.83 -9.32
CA GLY B 122 -23.33 3.03 -8.55
C GLY B 122 -22.36 3.90 -7.72
N PRO B 123 -22.91 4.83 -6.90
CA PRO B 123 -22.05 5.73 -6.15
C PRO B 123 -21.61 5.19 -4.79
N ARG B 124 -20.41 5.58 -4.37
CA ARG B 124 -19.86 5.18 -3.08
C ARG B 124 -19.08 6.33 -2.47
N THR B 125 -18.29 6.01 -1.44
CA THR B 125 -17.35 6.95 -0.85
C THR B 125 -16.09 6.97 -1.72
N GLN B 126 -16.15 7.73 -2.82
CA GLN B 126 -15.05 7.79 -3.77
C GLN B 126 -14.83 9.20 -4.35
N PRO B 127 -14.41 10.16 -3.49
CA PRO B 127 -14.19 11.52 -3.99
C PRO B 127 -12.90 11.63 -4.80
N LEU B 128 -13.04 11.96 -6.08
CA LEU B 128 -11.88 12.11 -6.97
C LEU B 128 -11.27 13.50 -6.83
N ALA B 129 -10.46 13.68 -5.79
CA ALA B 129 -9.81 14.95 -5.50
C ALA B 129 -8.65 14.75 -4.52
N CYS B 130 -7.53 15.42 -4.77
CA CYS B 130 -6.34 15.29 -3.93
C CYS B 130 -6.66 15.67 -2.48
N ASP B 131 -7.28 16.84 -2.33
CA ASP B 131 -7.68 17.36 -1.03
C ASP B 131 -8.85 16.57 -0.43
N HIS B 132 -8.60 15.88 0.69
CA HIS B 132 -9.68 15.15 1.39
C HIS B 132 -10.02 15.66 2.78
N PRO B 133 -9.31 16.69 3.28
CA PRO B 133 -9.79 17.21 4.57
C PRO B 133 -11.29 17.49 4.43
N PRO B 134 -12.10 17.03 5.40
CA PRO B 134 -13.55 16.97 5.29
C PRO B 134 -14.25 18.20 4.69
N LEU B 135 -14.86 17.99 3.53
CA LEU B 135 -15.64 19.03 2.85
C LEU B 135 -16.59 18.35 1.86
N PRO B 136 -17.82 18.88 1.76
CA PRO B 136 -18.86 18.30 0.89
C PRO B 136 -18.59 18.45 -0.60
N ASP B 137 -18.07 19.61 -0.99
CA ASP B 137 -17.75 19.92 -2.38
C ASP B 137 -16.25 20.22 -2.56
N ILE B 138 -15.66 19.74 -3.64
CA ILE B 138 -14.23 19.95 -3.86
C ILE B 138 -13.95 21.38 -4.30
C1 NAG C . -8.30 -4.29 -10.94
C2 NAG C . -8.18 -2.93 -11.59
C3 NAG C . -9.52 -2.54 -12.22
C4 NAG C . -9.84 -3.55 -13.31
C5 NAG C . -9.80 -4.96 -12.70
C6 NAG C . -9.97 -6.01 -13.80
C7 NAG C . -6.47 -1.42 -10.73
C8 NAG C . -6.13 -0.42 -9.66
N2 NAG C . -7.69 -1.94 -10.65
O3 NAG C . -9.47 -1.21 -12.74
O4 NAG C . -11.15 -3.33 -13.86
O5 NAG C . -8.59 -5.22 -11.99
O6 NAG C . -9.71 -7.31 -13.28
O7 NAG C . -5.67 -1.72 -11.60
C1 NAG C . -11.18 -2.60 -15.12
C2 NAG C . -11.21 -3.57 -16.30
C3 NAG C . -11.53 -2.89 -17.64
C4 NAG C . -12.60 -1.80 -17.55
C5 NAG C . -12.44 -0.94 -16.32
C6 NAG C . -13.62 0.03 -16.18
C7 NAG C . -9.87 -5.47 -17.03
C8 NAG C . -8.50 -6.05 -17.18
N2 NAG C . -9.94 -4.25 -16.47
O3 NAG C . -11.96 -3.89 -18.57
O4 NAG C . -12.49 -1.00 -18.73
O5 NAG C . -12.33 -1.76 -15.15
O6 NAG C . -13.80 0.44 -14.82
O7 NAG C . -10.87 -6.09 -17.38
C1 BMA C . -13.59 -1.17 -19.65
C2 BMA C . -13.27 -0.43 -20.94
C3 BMA C . -14.42 -0.52 -21.92
C4 BMA C . -14.80 -1.98 -22.14
C5 BMA C . -15.07 -2.65 -20.80
C6 BMA C . -15.45 -4.12 -20.94
O2 BMA C . -12.09 -0.99 -21.54
O3 BMA C . -14.07 0.10 -23.17
O4 BMA C . -15.96 -2.08 -22.99
O5 BMA C . -13.90 -2.53 -19.96
O6 BMA C . -16.71 -4.36 -20.30
C1 FUL C . -8.53 -7.88 -13.87
C2 FUL C . -8.94 -9.06 -14.73
O2 FUL C . -9.90 -8.63 -15.69
C3 FUL C . -7.71 -9.64 -15.43
O3 FUL C . -8.06 -10.81 -16.17
C4 FUL C . -6.64 -9.97 -14.39
O4 FUL C . -7.05 -11.08 -13.59
C5 FUL C . -6.35 -8.75 -13.51
C6 FUL C . -5.31 -9.07 -12.45
O5 FUL C . -7.56 -8.29 -12.90
C1 NAG D . -1.72 -1.69 -14.33
C2 NAG D . -2.04 -3.16 -14.02
C3 NAG D . -1.88 -4.11 -15.20
C4 NAG D . -2.29 -3.53 -16.55
C5 NAG D . -2.20 -2.02 -16.62
C6 NAG D . -3.10 -1.56 -17.78
C7 NAG D . -1.72 -3.94 -11.73
C8 NAG D . -0.69 -4.51 -10.78
N2 NAG D . -1.22 -3.72 -12.95
O3 NAG D . -2.68 -5.25 -14.89
O4 NAG D . -1.41 -4.02 -17.59
O5 NAG D . -2.59 -1.40 -15.41
O6 NAG D . -2.91 -0.15 -18.06
O7 NAG D . -2.89 -3.69 -11.39
C1 NAG D . -1.90 -5.14 -18.35
C2 NAG D . -3.04 -4.75 -19.31
C3 NAG D . -3.29 -5.83 -20.36
C4 NAG D . -1.99 -5.96 -21.15
C5 NAG D . -1.00 -6.56 -20.15
C6 NAG D . 0.32 -6.94 -20.79
C7 NAG D . -5.18 -3.59 -19.21
C8 NAG D . -6.45 -3.35 -18.46
N2 NAG D . -4.31 -4.46 -18.66
O3 NAG D . -4.38 -5.49 -21.22
O4 NAG D . -2.18 -6.81 -22.30
O5 NAG D . -0.77 -5.63 -19.08
O6 NAG D . 0.51 -8.35 -20.66
O7 NAG D . -4.94 -3.01 -20.26
C1 BMA D . -2.45 -6.05 -23.50
C2 BMA D . -1.16 -5.69 -24.19
C3 BMA D . -1.43 -4.86 -25.44
C4 BMA D . -2.43 -5.58 -26.35
C5 BMA D . -3.68 -6.01 -25.56
C6 BMA D . -4.64 -6.83 -26.42
O2 BMA D . -0.44 -6.87 -24.54
O3 BMA D . -0.22 -4.64 -26.17
O4 BMA D . -2.80 -4.71 -27.43
O5 BMA D . -3.29 -6.76 -24.42
O6 BMA D . -5.77 -6.05 -26.87
C1 MAN D . -6.84 -6.08 -25.93
C2 MAN D . -8.19 -5.47 -26.32
C3 MAN D . -8.35 -4.20 -25.52
C4 MAN D . -8.32 -4.57 -24.05
C5 MAN D . -7.04 -5.31 -23.64
C6 MAN D . -7.23 -5.89 -22.25
O2 MAN D . -9.30 -6.34 -26.04
O3 MAN D . -9.59 -3.57 -25.84
O4 MAN D . -8.48 -3.39 -23.25
O5 MAN D . -6.66 -6.37 -24.53
O6 MAN D . -6.62 -7.19 -22.19
C1 NAG D . -9.78 -7.00 -27.23
C2 NAG D . -10.35 -8.34 -26.78
C3 NAG D . -11.10 -9.06 -27.90
C4 NAG D . -12.05 -8.11 -28.63
C5 NAG D . -11.32 -6.84 -29.06
C6 NAG D . -12.25 -5.86 -29.76
C7 NAG D . -9.23 -9.66 -25.05
C8 NAG D . -8.02 -10.50 -24.71
N2 NAG D . -9.25 -9.17 -26.29
O3 NAG D . -11.85 -10.15 -27.35
O4 NAG D . -12.61 -8.76 -29.78
O5 NAG D . -10.77 -6.21 -27.91
O6 NAG D . -12.77 -6.44 -30.96
O7 NAG D . -10.10 -9.44 -24.24
C1 FUL D . -3.83 0.57 -17.25
C2 FUL D . -4.76 1.37 -18.17
O2 FUL D . -5.45 0.49 -19.06
C3 FUL D . -5.76 2.13 -17.33
O3 FUL D . -6.55 2.97 -18.18
C4 FUL D . -5.03 2.95 -16.27
O4 FUL D . -4.25 3.96 -16.91
C5 FUL D . -4.12 2.02 -15.44
C6 FUL D . -3.40 2.74 -14.31
O5 FUL D . -3.18 1.42 -16.32
C1 MAN E . -13.27 -8.00 -21.93
C2 MAN E . -12.05 -7.98 -21.01
C3 MAN E . -11.48 -6.57 -20.87
C4 MAN E . -11.27 -5.94 -22.25
C5 MAN E . -12.53 -6.08 -23.11
C6 MAN E . -12.30 -5.51 -24.51
O2 MAN E . -11.05 -8.86 -21.53
O3 MAN E . -10.23 -6.61 -20.19
O4 MAN E . -10.92 -4.56 -22.09
O5 MAN E . -12.89 -7.45 -23.20
O6 MAN E . -12.98 -4.25 -24.66
C1 BOG F . 21.02 -12.10 -14.01
O1 BOG F . 21.67 -13.30 -13.58
C2 BOG F . 21.53 -11.62 -15.38
O2 BOG F . 22.93 -11.42 -15.41
C3 BOG F . 20.77 -10.35 -15.74
O3 BOG F . 21.18 -9.87 -17.02
C4 BOG F . 19.26 -10.63 -15.70
O4 BOG F . 18.50 -9.50 -16.02
C5 BOG F . 18.92 -11.11 -14.29
O5 BOG F . 19.62 -12.33 -14.09
C6 BOG F . 17.43 -11.21 -14.00
O6 BOG F . 17.22 -11.85 -12.75
C1' BOG F . 21.55 -13.41 -12.16
C2' BOG F . 21.78 -14.86 -11.74
C3' BOG F . 21.66 -15.02 -10.23
C4' BOG F . 20.67 -14.02 -9.66
C5' BOG F . 20.31 -14.27 -8.20
C6' BOG F . 19.48 -13.07 -7.72
C7' BOG F . 19.58 -12.93 -6.20
C8' BOG F . 18.61 -11.90 -5.67
C1 BOG G . 23.04 -2.40 -12.79
O1 BOG G . 22.56 -3.44 -13.66
C2 BOG G . 22.28 -1.09 -13.04
O2 BOG G . 22.29 -0.76 -14.45
C3 BOG G . 22.92 0.01 -12.19
O3 BOG G . 22.16 1.22 -12.24
C4 BOG G . 23.02 -0.41 -10.72
O4 BOG G . 23.89 0.54 -10.06
C5 BOG G . 23.53 -1.84 -10.53
O5 BOG G . 22.85 -2.74 -11.41
C6 BOG G . 23.33 -2.27 -9.07
O6 BOG G . 23.98 -3.52 -8.78
C1' BOG G . 23.54 -3.95 -14.58
C2' BOG G . 23.70 -5.47 -14.45
C3' BOG G . 22.50 -6.14 -13.79
C4' BOG G . 22.29 -7.56 -14.29
C5' BOG G . 22.20 -8.59 -13.15
C6' BOG G . 20.80 -8.63 -12.56
C7' BOG G . 20.80 -9.21 -11.15
C8' BOG G . 19.40 -9.34 -10.59
#